data_4UX6
#
_entry.id   4UX6
#
_cell.length_a   213.550
_cell.length_b   213.550
_cell.length_c   115.990
_cell.angle_alpha   90.00
_cell.angle_beta   90.00
_cell.angle_gamma   120.00
#
_symmetry.space_group_name_H-M   'P 61 2 2'
#
loop_
_entity.id
_entity.type
_entity.pdbx_description
1 polymer 'NITRIC OXIDE SYNTHASE, INDUCIBLE'
2 polymer 'NITRIC OXIDE SYNTHASE, INDUCIBLE'
3 non-polymer 'PROTOPORPHYRIN IX CONTAINING FE'
4 non-polymer 5,6,7,8-TETRAHYDROBIOPTERIN
5 non-polymer O-(5-methyl-2-nitrophenyl)-D-tyrosinamide
#
loop_
_entity_poly.entity_id
_entity_poly.type
_entity_poly.pdbx_seq_one_letter_code
_entity_poly.pdbx_strand_id
1 'polypeptide(L)' QYVRIKNWGSGEILHDTLHHKATS A
2 'polypeptide(L)'
;SCLGSIMNPKSLTRGPRDKPTPLEELLPHAIEFINQYYGSFKEAKIEEHLARLEAVTKEIETTGTYQLTLDELIFATKMA
WRNAPRCIGRIQWSNLQVFDARNCSTAQEMFQHICRHILYATNNGNIRSAITVFPQRSDGKHDFRLWNSQLIRYAGYQMP
DGTIRGDAATLEFTQLCIDLGWKPRYGRFDVLPLVLQADGQDPEVFEIPPDLVLEVTMEHPKYEWFQELGLKWYALPAVA
NMLLEVGGLEFPACPFNGWYMGTEIGVRDFCDTQRYNILEEVGRRMGLETHTLASLWKDRAVTEINVAVLHSFQKQNVTI
MDHHTASESFMKHMQNEYRARGGCPADWIWLVPPVSGSITPVFHQEMLNYVLSPFYYYQIEPWKTHIWQ
;
B
#
# COMPACT_ATOMS: atom_id res chain seq x y z
N GLN A 1 -13.44 -26.01 13.49
CA GLN A 1 -12.70 -26.97 12.64
C GLN A 1 -11.59 -26.29 11.84
N TYR A 2 -11.44 -26.66 10.56
CA TYR A 2 -10.41 -26.09 9.69
C TYR A 2 -10.77 -26.26 8.21
N VAL A 3 -10.33 -25.35 7.34
CA VAL A 3 -10.65 -25.46 5.92
C VAL A 3 -9.51 -26.11 5.17
N ARG A 4 -9.84 -27.11 4.37
CA ARG A 4 -8.84 -27.82 3.59
C ARG A 4 -8.55 -26.94 2.38
N ILE A 5 -7.28 -26.55 2.23
CA ILE A 5 -6.85 -25.69 1.14
C ILE A 5 -5.84 -26.47 0.30
N LYS A 6 -6.03 -26.48 -1.02
CA LYS A 6 -5.12 -27.25 -1.86
C LYS A 6 -4.37 -26.53 -3.00
N ASN A 7 -3.19 -27.04 -3.29
CA ASN A 7 -2.34 -26.50 -4.35
C ASN A 7 -2.31 -27.46 -5.51
N TRP A 8 -3.00 -27.09 -6.58
CA TRP A 8 -3.10 -27.94 -7.74
C TRP A 8 -1.83 -28.13 -8.50
N GLY A 9 -0.81 -27.34 -8.18
CA GLY A 9 0.45 -27.48 -8.88
C GLY A 9 1.26 -28.63 -8.32
N SER A 10 1.26 -28.71 -6.99
CA SER A 10 2.01 -29.71 -6.24
C SER A 10 1.13 -30.67 -5.45
N GLY A 11 -0.17 -30.65 -5.70
CA GLY A 11 -1.05 -31.55 -4.97
C GLY A 11 -1.06 -31.30 -3.47
N GLU A 12 -0.21 -30.41 -3.00
CA GLU A 12 -0.15 -30.11 -1.57
C GLU A 12 -1.44 -29.51 -0.99
N ILE A 13 -1.70 -29.78 0.28
CA ILE A 13 -2.89 -29.29 0.97
C ILE A 13 -2.46 -28.68 2.30
N LEU A 14 -3.26 -27.76 2.80
CA LEU A 14 -2.98 -27.12 4.08
C LEU A 14 -4.31 -27.00 4.76
N HIS A 15 -4.29 -26.92 6.10
CA HIS A 15 -5.51 -26.80 6.88
C HIS A 15 -5.56 -25.45 7.55
N ASP A 16 -6.40 -24.57 7.03
CA ASP A 16 -6.52 -23.23 7.60
C ASP A 16 -7.32 -23.19 8.92
N THR A 17 -6.71 -22.74 9.99
CA THR A 17 -7.43 -22.67 11.24
C THR A 17 -7.55 -21.21 11.67
N LEU A 18 -6.64 -20.39 11.16
CA LEU A 18 -6.58 -18.96 11.49
C LEU A 18 -7.82 -18.14 11.17
N HIS A 19 -8.60 -18.56 10.19
CA HIS A 19 -9.78 -17.79 9.82
C HIS A 19 -10.71 -17.59 10.97
N HIS A 20 -10.67 -18.51 11.92
CA HIS A 20 -11.54 -18.42 13.08
C HIS A 20 -11.41 -17.05 13.73
N LYS A 21 -10.20 -16.50 13.68
CA LYS A 21 -9.95 -15.20 14.28
C LYS A 21 -10.42 -14.06 13.41
N ALA A 22 -11.13 -14.38 12.35
CA ALA A 22 -11.66 -13.36 11.47
C ALA A 22 -12.62 -12.47 12.25
N THR A 23 -12.62 -11.19 11.89
CA THR A 23 -13.48 -10.22 12.53
C THR A 23 -14.80 -10.19 11.78
N SER A 24 -15.87 -10.51 12.49
CA SER A 24 -17.23 -10.55 11.97
C SER A 24 -17.35 -10.93 10.49
N SER B 1 -24.49 -13.22 -3.77
CA SER B 1 -23.42 -13.31 -4.82
C SER B 1 -22.05 -12.94 -4.28
N CYS B 2 -21.09 -13.87 -4.34
CA CYS B 2 -19.75 -13.56 -3.85
C CYS B 2 -19.30 -12.31 -4.59
N LEU B 3 -18.94 -11.28 -3.83
CA LEU B 3 -18.49 -10.01 -4.39
C LEU B 3 -16.97 -9.92 -4.28
N GLY B 4 -16.28 -11.03 -4.54
CA GLY B 4 -14.83 -11.05 -4.46
C GLY B 4 -14.15 -10.09 -5.43
N SER B 5 -14.73 -9.92 -6.63
CA SER B 5 -14.17 -9.05 -7.66
C SER B 5 -14.34 -7.52 -7.48
N ILE B 6 -14.96 -7.06 -6.39
CA ILE B 6 -15.10 -5.62 -6.19
C ILE B 6 -13.82 -5.03 -5.60
N MET B 7 -13.40 -3.87 -6.11
CA MET B 7 -12.18 -3.18 -5.66
C MET B 7 -12.26 -2.65 -4.23
N ASN B 8 -13.20 -1.75 -3.99
CA ASN B 8 -13.38 -1.17 -2.67
C ASN B 8 -14.62 -1.63 -1.91
N PRO B 9 -14.64 -2.90 -1.46
CA PRO B 9 -15.82 -3.35 -0.72
C PRO B 9 -15.87 -2.62 0.63
N LYS B 10 -17.07 -2.42 1.16
CA LYS B 10 -17.22 -1.75 2.45
C LYS B 10 -16.47 -2.55 3.50
N SER B 11 -16.56 -3.86 3.42
CA SER B 11 -15.88 -4.73 4.38
C SER B 11 -14.43 -4.36 4.58
N LEU B 12 -13.83 -3.81 3.54
CA LEU B 12 -12.43 -3.45 3.56
C LEU B 12 -12.19 -1.96 3.89
N THR B 13 -13.25 -1.19 4.04
CA THR B 13 -13.12 0.23 4.34
C THR B 13 -13.47 0.53 5.81
N ARG B 14 -12.82 1.54 6.39
CA ARG B 14 -13.06 1.97 7.76
C ARG B 14 -13.28 3.46 7.65
N GLY B 15 -14.54 3.87 7.61
CA GLY B 15 -14.92 5.27 7.46
C GLY B 15 -14.74 6.20 8.65
N PRO B 16 -15.19 7.48 8.50
CA PRO B 16 -15.11 8.55 9.50
C PRO B 16 -16.02 8.41 10.75
N ARG B 17 -15.55 9.00 11.86
CA ARG B 17 -16.29 8.98 13.11
C ARG B 17 -16.69 10.39 13.50
N ASP B 18 -17.55 10.49 14.51
CA ASP B 18 -18.04 11.79 14.98
C ASP B 18 -17.85 11.90 16.48
N LYS B 19 -17.61 10.77 17.10
CA LYS B 19 -17.44 10.76 18.52
C LYS B 19 -16.53 9.60 18.83
N PRO B 20 -15.87 9.66 19.98
CA PRO B 20 -14.96 8.57 20.36
C PRO B 20 -15.65 7.27 20.06
N THR B 21 -14.90 6.18 20.06
CA THR B 21 -15.51 4.90 19.80
C THR B 21 -15.90 4.31 21.16
N PRO B 22 -17.17 3.85 21.28
CA PRO B 22 -17.78 3.25 22.47
C PRO B 22 -16.88 2.30 23.26
N LEU B 23 -16.70 2.59 24.54
CA LEU B 23 -15.86 1.75 25.40
C LEU B 23 -16.32 0.30 25.34
N GLU B 24 -17.61 0.10 25.09
CA GLU B 24 -18.15 -1.26 25.07
C GLU B 24 -17.40 -2.03 24.02
N GLU B 25 -17.11 -1.40 22.89
CA GLU B 25 -16.38 -2.10 21.84
C GLU B 25 -14.88 -1.91 21.94
N LEU B 26 -14.44 -0.69 22.29
CA LEU B 26 -13.02 -0.36 22.42
C LEU B 26 -12.25 -1.24 23.40
N LEU B 27 -12.82 -1.48 24.57
CA LEU B 27 -12.17 -2.27 25.63
C LEU B 27 -11.85 -3.72 25.28
N PRO B 28 -12.85 -4.47 24.84
CA PRO B 28 -12.56 -5.86 24.51
C PRO B 28 -11.58 -5.98 23.35
N HIS B 29 -11.60 -4.98 22.48
CA HIS B 29 -10.67 -4.98 21.38
C HIS B 29 -9.24 -4.80 21.92
N ALA B 30 -9.08 -3.83 22.80
CA ALA B 30 -7.79 -3.55 23.38
C ALA B 30 -7.22 -4.76 24.14
N ILE B 31 -8.07 -5.48 24.85
CA ILE B 31 -7.63 -6.64 25.62
C ILE B 31 -7.14 -7.69 24.67
N GLU B 32 -7.81 -7.79 23.54
CA GLU B 32 -7.50 -8.75 22.49
C GLU B 32 -6.09 -8.47 21.92
N PHE B 33 -5.84 -7.19 21.65
CA PHE B 33 -4.56 -6.78 21.14
C PHE B 33 -3.42 -7.02 22.12
N ILE B 34 -3.65 -6.63 23.37
CA ILE B 34 -2.62 -6.79 24.37
C ILE B 34 -2.26 -8.25 24.56
N ASN B 35 -3.24 -9.13 24.39
CA ASN B 35 -3.02 -10.56 24.59
C ASN B 35 -2.23 -11.10 23.43
N GLN B 36 -2.52 -10.54 22.27
CA GLN B 36 -1.85 -10.92 21.02
C GLN B 36 -0.38 -10.65 21.17
N TYR B 37 -0.09 -9.42 21.56
CA TYR B 37 1.26 -8.93 21.77
C TYR B 37 2.06 -9.73 22.78
N TYR B 38 1.56 -9.84 24.00
CA TYR B 38 2.29 -10.60 25.00
C TYR B 38 2.35 -12.04 24.53
N GLY B 39 1.28 -12.47 23.89
CA GLY B 39 1.25 -13.82 23.40
C GLY B 39 2.31 -14.07 22.32
N SER B 40 2.79 -13.00 21.69
CA SER B 40 3.80 -13.16 20.64
C SER B 40 5.21 -13.36 21.17
N PHE B 41 5.47 -12.89 22.38
CA PHE B 41 6.81 -13.05 22.94
C PHE B 41 7.24 -14.51 23.09
N LYS B 42 8.35 -14.89 22.50
CA LYS B 42 8.82 -16.25 22.72
C LYS B 42 9.23 -15.99 24.18
N GLU B 43 8.90 -16.89 25.11
CA GLU B 43 9.20 -16.68 26.54
C GLU B 43 8.24 -15.57 26.98
N ALA B 44 7.27 -15.91 27.80
CA ALA B 44 6.29 -14.91 28.23
C ALA B 44 6.73 -14.04 29.39
N LYS B 45 5.84 -13.09 29.71
CA LYS B 45 5.99 -12.14 30.80
C LYS B 45 4.58 -11.88 31.35
N ILE B 46 4.02 -12.86 32.06
CA ILE B 46 2.68 -12.70 32.62
C ILE B 46 2.61 -11.51 33.56
N GLU B 47 3.67 -11.28 34.33
CA GLU B 47 3.65 -10.16 35.24
C GLU B 47 3.29 -8.93 34.42
N GLU B 48 4.18 -8.60 33.49
CA GLU B 48 4.03 -7.46 32.60
C GLU B 48 2.73 -7.51 31.85
N HIS B 49 2.42 -8.69 31.33
CA HIS B 49 1.19 -8.93 30.56
C HIS B 49 -0.02 -8.46 31.36
N LEU B 50 -0.20 -9.05 32.54
CA LEU B 50 -1.28 -8.69 33.44
C LEU B 50 -1.24 -7.21 33.80
N ALA B 51 -0.06 -6.71 34.13
CA ALA B 51 0.06 -5.31 34.50
C ALA B 51 -0.51 -4.39 33.38
N ARG B 52 -0.12 -4.69 32.13
CA ARG B 52 -0.52 -3.93 30.94
C ARG B 52 -2.03 -4.04 30.74
N LEU B 53 -2.53 -5.26 30.84
CA LEU B 53 -3.96 -5.45 30.68
C LEU B 53 -4.67 -4.49 31.61
N GLU B 54 -4.22 -4.47 32.87
CA GLU B 54 -4.80 -3.58 33.85
C GLU B 54 -4.62 -2.11 33.49
N ALA B 55 -3.36 -1.72 33.26
CA ALA B 55 -3.05 -0.33 32.95
C ALA B 55 -3.96 0.19 31.84
N VAL B 56 -4.05 -0.57 30.75
CA VAL B 56 -4.85 -0.15 29.62
C VAL B 56 -6.30 0.04 30.07
N THR B 57 -6.87 -0.98 30.70
CA THR B 57 -8.25 -0.90 31.21
C THR B 57 -8.46 0.40 31.99
N LYS B 58 -7.56 0.69 32.94
CA LYS B 58 -7.68 1.92 33.71
C LYS B 58 -7.86 3.09 32.76
N GLU B 59 -6.78 3.39 32.03
CA GLU B 59 -6.67 4.49 31.05
C GLU B 59 -7.92 4.63 30.23
N ILE B 60 -8.37 3.51 29.70
CA ILE B 60 -9.56 3.49 28.87
C ILE B 60 -10.75 4.06 29.64
N GLU B 61 -10.86 3.69 30.91
CA GLU B 61 -11.96 4.18 31.73
C GLU B 61 -11.66 5.58 32.27
N THR B 62 -10.43 5.85 32.66
CA THR B 62 -10.12 7.19 33.10
C THR B 62 -10.10 8.17 31.89
N THR B 63 -9.92 7.69 30.65
CA THR B 63 -9.88 8.61 29.51
C THR B 63 -10.71 8.24 28.32
N GLY B 64 -11.36 7.10 28.37
CA GLY B 64 -12.17 6.66 27.24
C GLY B 64 -11.34 6.26 26.03
N THR B 65 -10.03 6.05 26.22
CA THR B 65 -9.12 5.67 25.12
C THR B 65 -7.81 5.15 25.70
N TYR B 66 -6.80 5.05 24.87
CA TYR B 66 -5.51 4.61 25.37
C TYR B 66 -4.39 4.80 24.37
N GLN B 67 -3.18 4.69 24.87
CA GLN B 67 -2.01 4.87 24.05
C GLN B 67 -1.18 3.63 24.04
N LEU B 68 -0.62 3.32 22.88
CA LEU B 68 0.21 2.15 22.72
C LEU B 68 1.68 2.44 23.08
N THR B 69 2.39 1.44 23.56
CA THR B 69 3.80 1.60 23.86
C THR B 69 4.45 1.52 22.46
N LEU B 70 5.55 2.27 22.24
CA LEU B 70 6.21 2.28 20.94
C LEU B 70 6.43 0.85 20.45
N ASP B 71 6.73 -0.04 21.40
CA ASP B 71 6.98 -1.45 21.13
C ASP B 71 5.71 -2.12 20.56
N GLU B 72 4.57 -1.80 21.16
CA GLU B 72 3.30 -2.35 20.73
C GLU B 72 2.95 -1.85 19.32
N LEU B 73 3.26 -0.58 19.04
CA LEU B 73 3.01 0.00 17.70
C LEU B 73 3.89 -0.68 16.66
N ILE B 74 5.16 -0.90 17.00
CA ILE B 74 6.05 -1.56 16.08
C ILE B 74 5.48 -2.96 15.77
N PHE B 75 4.84 -3.58 16.75
CA PHE B 75 4.25 -4.91 16.57
C PHE B 75 2.94 -4.80 15.80
N ALA B 76 2.26 -3.67 15.92
CA ALA B 76 0.99 -3.45 15.24
C ALA B 76 1.15 -3.24 13.74
N THR B 77 2.13 -2.41 13.38
CA THR B 77 2.43 -2.08 11.97
C THR B 77 2.82 -3.29 11.14
N LYS B 78 3.58 -4.20 11.75
CA LYS B 78 4.04 -5.43 11.09
C LYS B 78 2.94 -6.48 10.98
N MET B 79 2.23 -6.71 12.08
CA MET B 79 1.14 -7.68 12.08
C MET B 79 0.17 -7.20 11.01
N ALA B 80 -0.19 -5.91 11.06
CA ALA B 80 -1.09 -5.37 10.06
C ALA B 80 -0.58 -5.69 8.67
N TRP B 81 0.74 -5.64 8.50
CA TRP B 81 1.37 -5.94 7.22
C TRP B 81 1.10 -7.40 6.94
N ARG B 82 1.58 -8.22 7.87
CA ARG B 82 1.41 -9.67 7.84
C ARG B 82 0.01 -10.14 7.46
N ASN B 83 -0.99 -9.34 7.81
CA ASN B 83 -2.41 -9.56 7.58
C ASN B 83 -2.97 -8.67 6.47
N ALA B 84 -2.23 -8.50 5.38
CA ALA B 84 -2.70 -7.65 4.27
C ALA B 84 -3.01 -8.61 3.11
N PRO B 85 -4.23 -9.15 3.06
CA PRO B 85 -4.60 -10.10 2.00
C PRO B 85 -4.12 -9.76 0.59
N ARG B 86 -4.03 -8.49 0.25
CA ARG B 86 -3.61 -8.13 -1.09
C ARG B 86 -2.11 -7.87 -1.36
N CYS B 87 -1.20 -8.15 -0.41
CA CYS B 87 0.25 -7.92 -0.62
C CYS B 87 1.06 -9.21 -0.90
N ILE B 88 1.91 -9.19 -1.95
CA ILE B 88 2.74 -10.35 -2.28
C ILE B 88 4.05 -10.33 -1.52
N GLY B 89 4.44 -9.13 -1.09
CA GLY B 89 5.68 -8.99 -0.35
C GLY B 89 5.68 -9.36 1.11
N ARG B 90 4.57 -9.82 1.66
CA ARG B 90 4.57 -10.16 3.07
C ARG B 90 5.68 -11.07 3.57
N ILE B 91 6.48 -11.71 2.70
CA ILE B 91 7.55 -12.55 3.27
C ILE B 91 8.51 -11.66 4.07
N GLN B 92 8.45 -10.37 3.77
CA GLN B 92 9.27 -9.34 4.39
C GLN B 92 8.60 -8.66 5.58
N TRP B 93 7.43 -9.14 5.98
CA TRP B 93 6.66 -8.51 7.06
C TRP B 93 7.41 -8.07 8.32
N SER B 94 8.29 -8.92 8.84
CA SER B 94 9.01 -8.59 10.07
C SER B 94 10.12 -7.53 9.92
N ASN B 95 10.35 -7.12 8.68
CA ASN B 95 11.39 -6.16 8.34
C ASN B 95 10.83 -4.80 7.97
N LEU B 96 10.31 -4.08 8.95
CA LEU B 96 9.73 -2.79 8.65
C LEU B 96 10.39 -1.79 9.57
N GLN B 97 10.36 -0.52 9.18
CA GLN B 97 10.97 0.53 9.97
C GLN B 97 9.81 1.41 10.34
N VAL B 98 9.73 1.76 11.62
CA VAL B 98 8.63 2.56 12.10
C VAL B 98 9.07 3.89 12.61
N PHE B 99 8.44 4.94 12.09
CA PHE B 99 8.73 6.29 12.49
C PHE B 99 7.51 6.75 13.26
N ASP B 100 7.71 6.97 14.57
CA ASP B 100 6.66 7.38 15.49
C ASP B 100 6.45 8.89 15.49
N ALA B 101 5.44 9.36 14.78
CA ALA B 101 5.14 10.78 14.70
C ALA B 101 3.83 11.04 15.41
N ARG B 102 3.53 10.20 16.39
CA ARG B 102 2.29 10.31 17.15
C ARG B 102 2.18 11.61 17.95
N ASN B 103 3.29 12.33 18.07
CA ASN B 103 3.30 13.59 18.80
C ASN B 103 3.25 14.79 17.84
N CYS B 104 3.03 14.55 16.55
CA CYS B 104 2.95 15.60 15.55
C CYS B 104 1.75 16.47 15.90
N SER B 105 1.64 17.66 15.31
CA SER B 105 0.50 18.54 15.59
C SER B 105 0.15 19.48 14.45
N THR B 106 1.14 19.86 13.68
CA THR B 106 0.90 20.75 12.56
C THR B 106 1.15 20.06 11.22
N ALA B 107 0.73 20.71 10.15
CA ALA B 107 0.94 20.17 8.81
C ALA B 107 2.44 20.21 8.45
N GLN B 108 3.10 21.31 8.77
CA GLN B 108 4.53 21.44 8.48
C GLN B 108 5.35 20.38 9.22
N GLU B 109 4.85 19.92 10.36
CA GLU B 109 5.54 18.87 11.11
C GLU B 109 5.34 17.57 10.33
N MET B 110 4.16 17.45 9.72
CA MET B 110 3.81 16.28 8.90
C MET B 110 4.76 16.28 7.71
N PHE B 111 4.69 17.36 6.94
CA PHE B 111 5.54 17.54 5.77
C PHE B 111 7.01 17.20 6.05
N GLN B 112 7.44 17.33 7.31
CA GLN B 112 8.83 17.04 7.66
C GLN B 112 9.03 15.56 7.92
N HIS B 113 8.05 14.95 8.55
CA HIS B 113 8.12 13.53 8.85
C HIS B 113 8.08 12.69 7.59
N ILE B 114 7.27 13.17 6.64
CA ILE B 114 7.09 12.50 5.36
C ILE B 114 8.40 12.60 4.62
N CYS B 115 9.05 13.76 4.69
CA CYS B 115 10.32 13.93 4.01
C CYS B 115 11.35 13.02 4.67
N ARG B 116 11.38 12.96 5.98
CA ARG B 116 12.35 12.07 6.62
C ARG B 116 12.12 10.65 6.09
N HIS B 117 10.84 10.31 5.88
CA HIS B 117 10.41 9.00 5.41
C HIS B 117 10.87 8.78 3.97
N ILE B 118 10.38 9.60 3.05
CA ILE B 118 10.75 9.49 1.65
C ILE B 118 12.24 9.35 1.49
N LEU B 119 13.00 10.07 2.32
CA LEU B 119 14.46 10.03 2.30
C LEU B 119 14.99 8.74 2.91
N TYR B 120 14.52 8.37 4.09
CA TYR B 120 15.01 7.14 4.69
C TYR B 120 14.83 5.93 3.79
N ALA B 121 13.63 5.84 3.23
CA ALA B 121 13.20 4.74 2.38
C ALA B 121 13.83 4.66 1.01
N THR B 122 14.03 5.80 0.36
CA THR B 122 14.63 5.79 -0.98
C THR B 122 16.07 5.28 -0.92
N ASN B 123 16.82 5.78 0.06
CA ASN B 123 18.18 5.36 0.30
C ASN B 123 19.07 5.37 -0.94
N ASN B 124 18.87 6.36 -1.80
CA ASN B 124 19.69 6.44 -2.99
C ASN B 124 19.51 5.24 -3.92
N GLY B 125 18.35 4.60 -3.84
CA GLY B 125 18.09 3.48 -4.70
C GLY B 125 18.07 2.12 -4.04
N ASN B 126 18.67 1.99 -2.86
CA ASN B 126 18.59 0.70 -2.16
C ASN B 126 17.39 0.84 -1.21
N ILE B 127 16.19 0.52 -1.73
CA ILE B 127 14.96 0.69 -0.98
C ILE B 127 14.78 -0.09 0.31
N ARG B 128 14.26 0.62 1.30
CA ARG B 128 13.99 0.07 2.64
C ARG B 128 12.51 0.25 2.99
N SER B 129 11.90 -0.80 3.54
CA SER B 129 10.48 -0.75 3.92
C SER B 129 10.31 0.11 5.18
N ALA B 130 9.41 1.07 5.13
CA ALA B 130 9.17 1.89 6.32
C ALA B 130 7.72 2.38 6.46
N ILE B 131 7.38 2.81 7.67
CA ILE B 131 6.06 3.33 7.95
C ILE B 131 6.16 4.50 8.94
N THR B 132 5.25 5.45 8.77
CA THR B 132 5.17 6.62 9.61
C THR B 132 3.75 6.81 10.14
N VAL B 133 3.60 6.50 11.43
CA VAL B 133 2.36 6.61 12.16
C VAL B 133 2.15 8.02 12.73
N PHE B 134 1.06 8.67 12.34
CA PHE B 134 0.76 9.99 12.85
C PHE B 134 -0.20 9.85 14.07
N PRO B 135 -0.73 10.97 14.62
CA PRO B 135 -1.63 10.83 15.78
C PRO B 135 -2.92 10.03 15.56
N GLN B 136 -3.20 9.10 16.45
CA GLN B 136 -4.43 8.31 16.33
C GLN B 136 -5.70 9.13 16.40
N ARG B 137 -6.70 8.67 15.67
CA ARG B 137 -8.00 9.32 15.67
C ARG B 137 -8.51 9.39 17.12
N SER B 138 -9.04 10.54 17.52
CA SER B 138 -9.53 10.68 18.88
C SER B 138 -11.04 10.82 18.87
N ASP B 139 -11.52 12.03 18.58
CA ASP B 139 -12.96 12.28 18.54
C ASP B 139 -13.51 12.23 17.11
N GLY B 140 -12.64 11.92 16.16
CA GLY B 140 -13.07 11.83 14.78
C GLY B 140 -13.21 13.20 14.13
N LYS B 141 -13.00 14.26 14.90
CA LYS B 141 -13.09 15.61 14.34
C LYS B 141 -11.70 16.24 14.31
N HIS B 142 -10.69 15.47 14.73
CA HIS B 142 -9.31 15.97 14.71
C HIS B 142 -8.33 15.05 13.96
N ASP B 143 -8.90 14.21 13.11
CA ASP B 143 -8.18 13.25 12.28
C ASP B 143 -7.00 13.86 11.49
N PHE B 144 -5.91 13.12 11.37
CA PHE B 144 -4.77 13.56 10.55
C PHE B 144 -4.91 12.74 9.24
N ARG B 145 -4.93 13.42 8.11
CA ARG B 145 -5.09 12.73 6.82
C ARG B 145 -4.12 13.25 5.76
N LEU B 146 -3.75 12.38 4.83
CA LEU B 146 -2.90 12.72 3.69
C LEU B 146 -3.93 12.54 2.58
N TRP B 147 -4.15 13.58 1.80
CA TRP B 147 -5.13 13.50 0.74
C TRP B 147 -4.64 12.79 -0.53
N ASN B 148 -3.35 12.45 -0.57
CA ASN B 148 -2.76 11.76 -1.71
C ASN B 148 -3.03 10.28 -1.58
N SER B 149 -3.07 9.58 -2.71
CA SER B 149 -3.28 8.15 -2.73
C SER B 149 -1.94 7.52 -2.42
N GLN B 150 -0.89 8.19 -2.86
CA GLN B 150 0.47 7.75 -2.56
C GLN B 150 1.48 8.92 -2.53
N LEU B 151 2.49 8.82 -1.68
CA LEU B 151 3.50 9.89 -1.49
C LEU B 151 3.99 10.53 -2.79
N ILE B 152 4.72 9.78 -3.61
CA ILE B 152 5.14 10.29 -4.92
C ILE B 152 4.18 9.71 -5.96
N ARG B 153 3.60 10.58 -6.78
CA ARG B 153 2.66 10.17 -7.80
C ARG B 153 2.72 11.27 -8.85
N TYR B 154 2.46 10.96 -10.12
CA TYR B 154 2.53 11.99 -11.16
C TYR B 154 1.18 12.65 -11.44
N ALA B 155 1.18 13.93 -11.80
CA ALA B 155 -0.07 14.63 -12.09
C ALA B 155 -0.66 14.21 -13.42
N GLY B 156 -1.92 14.56 -13.62
CA GLY B 156 -2.60 14.24 -14.86
C GLY B 156 -3.50 15.39 -15.25
N TYR B 157 -3.13 16.08 -16.33
CA TYR B 157 -3.87 17.23 -16.83
C TYR B 157 -4.70 16.94 -18.06
N GLN B 158 -5.72 17.78 -18.26
CA GLN B 158 -6.60 17.67 -19.42
C GLN B 158 -6.24 18.84 -20.35
N MET B 159 -5.40 18.55 -21.34
CA MET B 159 -4.94 19.55 -22.29
C MET B 159 -6.06 20.35 -22.98
N PRO B 160 -5.73 21.60 -23.42
CA PRO B 160 -6.65 22.52 -24.11
C PRO B 160 -7.16 21.84 -25.35
N ASP B 161 -6.22 21.28 -26.12
CA ASP B 161 -6.53 20.58 -27.37
C ASP B 161 -7.30 19.27 -27.15
N GLY B 162 -7.99 19.17 -26.02
CA GLY B 162 -8.78 17.97 -25.72
C GLY B 162 -8.06 16.73 -25.18
N THR B 163 -6.80 16.56 -25.57
CA THR B 163 -5.99 15.42 -25.14
C THR B 163 -5.61 15.45 -23.64
N ILE B 164 -5.58 14.28 -23.01
CA ILE B 164 -5.20 14.16 -21.60
C ILE B 164 -3.70 13.89 -21.49
N ARG B 165 -2.98 14.68 -20.69
CA ARG B 165 -1.54 14.47 -20.55
C ARG B 165 -1.18 14.09 -19.11
N GLY B 166 -0.12 13.30 -18.97
CA GLY B 166 0.33 12.84 -17.66
C GLY B 166 -0.41 11.56 -17.28
N ASP B 167 -0.67 11.35 -15.99
CA ASP B 167 -1.38 10.15 -15.52
C ASP B 167 -2.87 10.45 -15.33
N ALA B 168 -3.67 10.02 -16.28
CA ALA B 168 -5.10 10.27 -16.22
C ALA B 168 -5.75 9.80 -14.93
N ALA B 169 -5.14 8.81 -14.28
CA ALA B 169 -5.69 8.27 -13.03
C ALA B 169 -5.83 9.33 -11.95
N THR B 170 -5.01 10.38 -12.02
CA THR B 170 -5.01 11.44 -11.02
C THR B 170 -5.53 12.78 -11.52
N LEU B 171 -6.30 12.77 -12.61
CA LEU B 171 -6.85 14.02 -13.18
C LEU B 171 -7.65 14.81 -12.14
N GLU B 172 -8.46 14.11 -11.35
CA GLU B 172 -9.29 14.74 -10.34
C GLU B 172 -8.45 15.32 -9.18
N PHE B 173 -7.69 14.46 -8.50
CA PHE B 173 -6.85 14.93 -7.40
C PHE B 173 -6.05 16.13 -7.88
N THR B 174 -5.53 16.04 -9.10
CA THR B 174 -4.75 17.13 -9.66
C THR B 174 -5.52 18.45 -9.69
N GLN B 175 -6.79 18.41 -10.12
CA GLN B 175 -7.56 19.64 -10.18
C GLN B 175 -7.57 20.19 -8.75
N LEU B 176 -8.12 19.40 -7.83
CA LEU B 176 -8.18 19.81 -6.43
C LEU B 176 -6.86 20.47 -6.07
N CYS B 177 -5.76 19.75 -6.28
CA CYS B 177 -4.44 20.30 -5.96
C CYS B 177 -4.30 21.71 -6.50
N ILE B 178 -4.67 21.86 -7.77
CA ILE B 178 -4.62 23.16 -8.43
C ILE B 178 -5.58 24.11 -7.72
N ASP B 179 -6.77 23.61 -7.40
CA ASP B 179 -7.74 24.45 -6.72
C ASP B 179 -7.17 24.96 -5.40
N LEU B 180 -6.31 24.18 -4.76
CA LEU B 180 -5.72 24.60 -3.50
C LEU B 180 -4.46 25.43 -3.69
N GLY B 181 -4.22 25.95 -4.91
CA GLY B 181 -3.06 26.79 -5.16
C GLY B 181 -1.78 26.21 -5.75
N TRP B 182 -1.82 24.95 -6.19
CA TRP B 182 -0.62 24.36 -6.76
C TRP B 182 -0.47 24.85 -8.20
N LYS B 183 0.78 25.14 -8.59
CA LYS B 183 1.09 25.62 -9.93
C LYS B 183 1.29 24.44 -10.89
N PRO B 184 0.34 24.21 -11.80
CA PRO B 184 0.44 23.11 -12.76
C PRO B 184 1.63 23.24 -13.73
N ARG B 185 2.59 22.32 -13.67
CA ARG B 185 3.74 22.40 -14.58
C ARG B 185 3.49 21.70 -15.94
N TYR B 186 2.21 21.36 -16.21
CA TYR B 186 1.74 20.70 -17.44
C TYR B 186 2.59 19.59 -18.09
N GLY B 187 3.42 18.92 -17.31
CA GLY B 187 4.26 17.86 -17.85
C GLY B 187 3.57 16.49 -17.95
N ARG B 188 4.34 15.47 -18.30
CA ARG B 188 3.85 14.10 -18.47
C ARG B 188 4.26 13.37 -17.21
N PHE B 189 5.26 13.92 -16.53
CA PHE B 189 5.75 13.31 -15.30
C PHE B 189 6.02 14.34 -14.20
N ASP B 190 5.02 15.15 -13.86
CA ASP B 190 5.14 16.15 -12.80
C ASP B 190 4.75 15.55 -11.46
N VAL B 191 5.72 15.45 -10.55
CA VAL B 191 5.41 14.88 -9.23
C VAL B 191 4.38 15.75 -8.53
N LEU B 192 3.31 15.10 -8.07
CA LEU B 192 2.23 15.78 -7.36
C LEU B 192 2.64 16.27 -5.97
N PRO B 193 2.05 17.38 -5.49
CA PRO B 193 2.38 17.92 -4.17
C PRO B 193 1.74 17.14 -3.02
N LEU B 194 2.38 17.16 -1.85
CA LEU B 194 1.82 16.49 -0.68
C LEU B 194 0.66 17.39 -0.24
N VAL B 195 -0.53 16.85 -0.05
CA VAL B 195 -1.65 17.63 0.41
C VAL B 195 -1.94 17.09 1.82
N LEU B 196 -1.50 17.82 2.83
CA LEU B 196 -1.70 17.38 4.21
C LEU B 196 -2.77 18.10 5.05
N GLN B 197 -3.49 17.30 5.84
CA GLN B 197 -4.53 17.80 6.73
C GLN B 197 -4.10 17.33 8.11
N ALA B 198 -3.82 18.28 9.01
CA ALA B 198 -3.41 17.92 10.37
C ALA B 198 -4.42 18.35 11.45
N ASP B 199 -4.56 17.51 12.46
CA ASP B 199 -5.48 17.77 13.57
C ASP B 199 -6.86 18.26 13.14
N GLY B 200 -7.37 17.76 12.02
CA GLY B 200 -8.70 18.16 11.57
C GLY B 200 -8.79 19.43 10.72
N GLN B 201 -7.69 20.20 10.66
CA GLN B 201 -7.67 21.43 9.89
C GLN B 201 -7.78 21.21 8.38
N ASP B 202 -8.26 22.23 7.68
CA ASP B 202 -8.34 22.16 6.24
C ASP B 202 -6.97 21.71 5.76
N PRO B 203 -6.91 21.08 4.57
CA PRO B 203 -5.66 20.57 3.99
C PRO B 203 -4.69 21.64 3.53
N GLU B 204 -3.39 21.35 3.64
CA GLU B 204 -2.33 22.28 3.21
C GLU B 204 -1.40 21.60 2.18
N VAL B 205 -1.06 22.32 1.13
CA VAL B 205 -0.22 21.80 0.08
C VAL B 205 1.28 22.02 0.31
N PHE B 206 2.10 21.08 -0.12
CA PHE B 206 3.55 21.19 0.01
C PHE B 206 4.22 20.44 -1.15
N GLU B 207 5.10 21.11 -1.87
CA GLU B 207 5.78 20.47 -2.97
C GLU B 207 6.83 19.54 -2.40
N ILE B 208 7.00 18.36 -2.99
CA ILE B 208 8.02 17.48 -2.45
C ILE B 208 9.41 17.94 -2.92
N PRO B 209 10.35 18.09 -1.99
CA PRO B 209 11.67 18.52 -2.46
C PRO B 209 12.23 17.65 -3.58
N PRO B 210 12.33 18.19 -4.79
CA PRO B 210 12.86 17.44 -5.94
C PRO B 210 14.03 16.50 -5.62
N ASP B 211 15.00 16.92 -4.81
CA ASP B 211 16.11 16.03 -4.50
C ASP B 211 15.64 14.74 -3.86
N LEU B 212 14.42 14.73 -3.32
CA LEU B 212 13.94 13.52 -2.63
C LEU B 212 13.26 12.46 -3.48
N VAL B 213 12.74 12.83 -4.65
CA VAL B 213 12.04 11.91 -5.55
C VAL B 213 13.00 11.24 -6.54
N LEU B 214 13.53 10.06 -6.20
CA LEU B 214 14.44 9.33 -7.09
C LEU B 214 13.65 8.81 -8.30
N GLU B 215 14.19 8.94 -9.49
CA GLU B 215 13.43 8.46 -10.64
C GLU B 215 14.25 7.53 -11.53
N VAL B 216 13.56 6.68 -12.28
CA VAL B 216 14.27 5.73 -13.17
C VAL B 216 13.89 5.99 -14.61
N THR B 217 14.87 6.35 -15.41
CA THR B 217 14.65 6.62 -16.84
C THR B 217 14.56 5.29 -17.57
N MET B 218 13.46 5.09 -18.30
CA MET B 218 13.24 3.83 -19.00
C MET B 218 13.97 3.59 -20.32
N GLU B 219 14.78 2.54 -20.30
CA GLU B 219 15.49 2.12 -21.49
C GLU B 219 15.63 0.58 -21.61
N HIS B 220 15.23 0.07 -22.78
CA HIS B 220 15.29 -1.35 -23.15
C HIS B 220 16.72 -1.72 -23.53
N PRO B 221 17.18 -2.95 -23.17
CA PRO B 221 18.56 -3.37 -23.48
C PRO B 221 18.87 -3.91 -24.89
N LYS B 222 18.02 -3.59 -25.87
CA LYS B 222 18.23 -4.06 -27.23
C LYS B 222 17.66 -2.97 -28.10
N TYR B 223 16.53 -2.42 -27.69
CA TYR B 223 15.88 -1.37 -28.44
C TYR B 223 16.40 -0.02 -28.08
N GLU B 224 17.00 0.68 -29.05
CA GLU B 224 17.53 2.03 -28.80
C GLU B 224 16.37 3.01 -28.85
N TRP B 225 15.32 2.66 -29.56
CA TRP B 225 14.22 3.58 -29.63
C TRP B 225 13.41 3.57 -28.34
N PHE B 226 13.72 2.66 -27.41
CA PHE B 226 12.94 2.65 -26.19
C PHE B 226 13.11 4.00 -25.51
N GLN B 227 14.38 4.37 -25.29
CA GLN B 227 14.70 5.65 -24.67
C GLN B 227 14.01 6.84 -25.35
N GLU B 228 13.76 6.73 -26.66
CA GLU B 228 13.12 7.81 -27.40
C GLU B 228 11.69 8.02 -27.00
N LEU B 229 11.15 7.11 -26.21
CA LEU B 229 9.76 7.24 -25.78
C LEU B 229 9.79 8.16 -24.57
N GLY B 230 11.00 8.58 -24.19
CA GLY B 230 11.17 9.46 -23.05
C GLY B 230 10.23 9.14 -21.91
N LEU B 231 10.41 7.95 -21.35
CA LEU B 231 9.56 7.49 -20.25
C LEU B 231 10.39 7.31 -19.01
N LYS B 232 9.74 7.48 -17.85
CA LYS B 232 10.41 7.28 -16.58
C LYS B 232 9.35 7.02 -15.54
N TRP B 233 9.78 6.59 -14.35
CA TRP B 233 8.89 6.33 -13.23
C TRP B 233 9.62 6.58 -11.91
N TYR B 234 8.88 6.82 -10.82
CA TYR B 234 9.48 7.04 -9.51
C TYR B 234 9.89 5.71 -8.90
N ALA B 235 10.94 5.67 -8.11
CA ALA B 235 11.39 4.41 -7.54
C ALA B 235 10.67 3.96 -6.27
N LEU B 236 9.85 4.83 -5.70
CA LEU B 236 9.19 4.52 -4.43
C LEU B 236 7.69 4.36 -4.37
N PRO B 237 7.26 3.11 -4.13
CA PRO B 237 5.83 2.80 -4.02
C PRO B 237 5.45 3.03 -2.54
N ALA B 238 4.82 4.16 -2.26
CA ALA B 238 4.44 4.48 -0.90
C ALA B 238 2.95 4.79 -0.84
N VAL B 239 2.20 3.90 -0.22
CA VAL B 239 0.75 4.05 -0.09
C VAL B 239 0.56 5.12 0.98
N ALA B 240 -0.20 6.16 0.66
CA ALA B 240 -0.41 7.31 1.55
C ALA B 240 -1.77 7.52 2.25
N ASN B 241 -2.85 6.90 1.75
CA ASN B 241 -4.17 7.11 2.31
C ASN B 241 -4.94 6.01 3.09
N MET B 242 -4.23 4.99 3.59
CA MET B 242 -4.84 3.91 4.34
C MET B 242 -4.94 4.10 5.86
N LEU B 243 -5.85 3.38 6.52
CA LEU B 243 -6.02 3.51 7.97
C LEU B 243 -5.47 2.30 8.72
N LEU B 244 -4.72 2.53 9.78
CA LEU B 244 -4.23 1.40 10.53
C LEU B 244 -5.16 1.21 11.77
N GLU B 245 -5.66 -0.01 11.92
CA GLU B 245 -6.52 -0.34 13.02
C GLU B 245 -5.77 -1.36 13.84
N VAL B 246 -5.69 -1.07 15.14
CA VAL B 246 -5.02 -1.96 16.07
C VAL B 246 -5.72 -1.78 17.39
N GLY B 247 -6.05 -2.91 18.00
CA GLY B 247 -6.72 -2.93 19.29
C GLY B 247 -7.77 -1.87 19.50
N GLY B 248 -8.61 -1.62 18.50
CA GLY B 248 -9.66 -0.64 18.69
C GLY B 248 -9.31 0.76 18.31
N LEU B 249 -8.01 1.02 18.23
CA LEU B 249 -7.53 2.32 17.83
C LEU B 249 -7.46 2.41 16.30
N GLU B 250 -7.63 3.63 15.80
CA GLU B 250 -7.58 3.90 14.37
C GLU B 250 -6.60 5.06 14.08
N PHE B 251 -5.57 4.77 13.27
CA PHE B 251 -4.59 5.77 12.84
C PHE B 251 -4.92 6.08 11.38
N PRO B 252 -5.73 7.12 11.15
CA PRO B 252 -6.10 7.49 9.79
C PRO B 252 -4.97 8.00 8.90
N ALA B 253 -3.78 8.20 9.46
CA ALA B 253 -2.62 8.65 8.65
C ALA B 253 -1.41 7.77 8.98
N CYS B 254 -0.93 6.99 8.03
CA CYS B 254 0.21 6.15 8.32
C CYS B 254 0.82 5.65 7.01
N PRO B 255 1.54 6.53 6.31
CA PRO B 255 2.15 6.11 5.06
C PRO B 255 3.18 5.02 5.26
N PHE B 256 3.16 4.04 4.37
CA PHE B 256 4.10 2.93 4.40
C PHE B 256 4.62 2.67 2.97
N ASN B 257 5.71 1.92 2.86
CA ASN B 257 6.27 1.66 1.55
C ASN B 257 7.11 0.40 1.51
N GLY B 258 7.29 -0.09 0.30
CA GLY B 258 8.14 -1.24 0.08
C GLY B 258 8.90 -0.87 -1.17
N TRP B 259 9.27 -1.87 -1.97
CA TRP B 259 9.93 -1.59 -3.22
C TRP B 259 8.93 -1.99 -4.29
N TYR B 260 9.33 -1.88 -5.55
CA TYR B 260 8.41 -2.18 -6.62
C TYR B 260 8.53 -3.59 -7.17
N MET B 261 7.42 -4.06 -7.69
CA MET B 261 7.39 -5.34 -8.35
C MET B 261 7.22 -4.82 -9.78
N GLY B 262 8.14 -5.20 -10.66
CA GLY B 262 8.11 -4.68 -12.02
C GLY B 262 6.83 -4.52 -12.78
N THR B 263 5.93 -5.49 -12.66
CA THR B 263 4.67 -5.48 -13.40
C THR B 263 3.72 -4.34 -13.09
N GLU B 264 3.97 -3.66 -11.96
CA GLU B 264 3.15 -2.52 -11.54
C GLU B 264 3.37 -1.38 -12.50
N ILE B 265 4.64 -1.02 -12.67
CA ILE B 265 5.04 0.05 -13.57
C ILE B 265 4.90 -0.55 -14.96
N GLY B 266 5.50 -1.72 -15.12
CA GLY B 266 5.48 -2.40 -16.39
C GLY B 266 4.12 -2.49 -17.06
N VAL B 267 3.23 -3.30 -16.49
CA VAL B 267 1.91 -3.56 -17.04
C VAL B 267 0.82 -2.58 -16.71
N ARG B 268 0.69 -2.26 -15.42
CA ARG B 268 -0.39 -1.39 -14.95
C ARG B 268 -0.24 0.08 -15.25
N ASP B 269 0.80 0.71 -14.73
CA ASP B 269 1.01 2.12 -14.98
C ASP B 269 1.16 2.49 -16.43
N PHE B 270 2.02 1.77 -17.15
CA PHE B 270 2.26 2.05 -18.57
C PHE B 270 1.21 1.49 -19.53
N CYS B 271 0.88 0.22 -19.38
CA CYS B 271 -0.08 -0.39 -20.31
C CYS B 271 -1.58 -0.23 -20.12
N ASP B 272 -2.06 -0.02 -18.90
CA ASP B 272 -3.51 0.16 -18.68
C ASP B 272 -4.05 1.28 -19.57
N THR B 273 -5.13 1.04 -20.29
CA THR B 273 -5.66 2.07 -21.15
C THR B 273 -5.95 3.34 -20.38
N GLN B 274 -6.39 3.19 -19.13
CA GLN B 274 -6.71 4.35 -18.29
C GLN B 274 -5.50 4.90 -17.51
N ARG B 275 -4.30 4.63 -17.99
CA ARG B 275 -3.10 5.13 -17.34
C ARG B 275 -2.24 5.73 -18.44
N TYR B 276 -0.94 5.44 -18.44
CA TYR B 276 -0.08 6.02 -19.46
C TYR B 276 -0.33 5.48 -20.87
N ASN B 277 -1.08 4.38 -20.92
CA ASN B 277 -1.48 3.73 -22.16
C ASN B 277 -0.48 3.72 -23.33
N ILE B 278 0.67 3.09 -23.15
CA ILE B 278 1.68 3.07 -24.20
C ILE B 278 1.79 1.80 -25.04
N LEU B 279 0.83 0.88 -24.92
CA LEU B 279 0.91 -0.39 -25.62
C LEU B 279 0.96 -0.38 -27.13
N GLU B 280 0.19 0.49 -27.77
CA GLU B 280 0.22 0.53 -29.23
C GLU B 280 1.55 1.10 -29.79
N GLU B 281 1.99 2.23 -29.25
CA GLU B 281 3.23 2.86 -29.71
C GLU B 281 4.35 1.85 -29.59
N VAL B 282 4.36 1.06 -28.54
CA VAL B 282 5.42 0.07 -28.39
C VAL B 282 5.20 -1.06 -29.38
N GLY B 283 3.94 -1.34 -29.68
CA GLY B 283 3.64 -2.38 -30.64
C GLY B 283 4.19 -1.96 -32.00
N ARG B 284 3.65 -0.86 -32.52
CA ARG B 284 4.07 -0.31 -33.79
C ARG B 284 5.59 -0.26 -33.89
N ARG B 285 6.25 0.41 -32.95
CA ARG B 285 7.70 0.50 -32.99
C ARG B 285 8.44 -0.82 -32.87
N MET B 286 7.71 -1.93 -32.99
CA MET B 286 8.33 -3.24 -32.92
C MET B 286 8.02 -3.94 -34.24
N GLY B 287 7.24 -3.25 -35.07
CA GLY B 287 6.88 -3.78 -36.38
C GLY B 287 5.79 -4.81 -36.32
N LEU B 288 5.30 -5.07 -35.12
CA LEU B 288 4.25 -6.07 -34.91
C LEU B 288 2.95 -5.74 -35.63
N GLU B 289 2.10 -6.76 -35.79
CA GLU B 289 0.79 -6.63 -36.46
C GLU B 289 -0.24 -6.02 -35.55
N THR B 290 0.03 -4.78 -35.17
CA THR B 290 -0.78 -3.98 -34.30
C THR B 290 -2.26 -3.89 -34.67
N HIS B 291 -2.67 -4.43 -35.81
CA HIS B 291 -4.08 -4.35 -36.18
C HIS B 291 -4.81 -5.69 -36.19
N THR B 292 -4.15 -6.75 -35.75
CA THR B 292 -4.75 -8.08 -35.66
C THR B 292 -4.47 -8.62 -34.26
N LEU B 293 -5.51 -8.66 -33.43
CA LEU B 293 -5.36 -9.13 -32.06
C LEU B 293 -4.88 -10.56 -32.01
N ALA B 294 -5.33 -11.35 -32.97
CA ALA B 294 -4.92 -12.73 -32.97
C ALA B 294 -3.40 -12.81 -33.17
N SER B 295 -2.74 -11.73 -33.60
CA SER B 295 -1.29 -11.82 -33.78
C SER B 295 -0.56 -11.94 -32.46
N LEU B 296 -1.27 -11.70 -31.35
CA LEU B 296 -0.69 -11.75 -30.00
C LEU B 296 0.42 -10.67 -29.74
N TRP B 297 0.35 -9.59 -30.52
CA TRP B 297 1.30 -8.50 -30.44
C TRP B 297 1.32 -7.81 -29.09
N LYS B 298 0.19 -7.77 -28.41
CA LYS B 298 0.13 -7.13 -27.09
C LYS B 298 0.94 -7.96 -26.13
N ASP B 299 0.75 -9.27 -26.19
CA ASP B 299 1.50 -10.16 -25.32
C ASP B 299 2.97 -9.93 -25.56
N ARG B 300 3.33 -9.75 -26.83
CA ARG B 300 4.69 -9.54 -27.28
C ARG B 300 5.29 -8.22 -26.79
N ALA B 301 4.54 -7.13 -26.97
CA ALA B 301 4.97 -5.80 -26.56
C ALA B 301 5.15 -5.76 -25.05
N VAL B 302 4.04 -5.91 -24.33
CA VAL B 302 4.07 -5.87 -22.89
C VAL B 302 5.25 -6.61 -22.28
N THR B 303 5.69 -7.71 -22.86
CA THR B 303 6.84 -8.39 -22.25
C THR B 303 8.12 -7.58 -22.43
N GLU B 304 8.18 -6.78 -23.49
CA GLU B 304 9.37 -6.02 -23.71
C GLU B 304 9.34 -4.81 -22.76
N ILE B 305 8.18 -4.20 -22.59
CA ILE B 305 8.07 -3.05 -21.68
C ILE B 305 8.45 -3.53 -20.29
N ASN B 306 8.11 -4.77 -19.99
CA ASN B 306 8.48 -5.34 -18.71
C ASN B 306 9.99 -5.52 -18.61
N VAL B 307 10.63 -6.01 -19.67
CA VAL B 307 12.09 -6.18 -19.63
C VAL B 307 12.79 -4.81 -19.52
N ALA B 308 12.19 -3.79 -20.15
CA ALA B 308 12.73 -2.44 -20.12
C ALA B 308 12.75 -2.01 -18.65
N VAL B 309 11.57 -1.99 -18.04
CA VAL B 309 11.40 -1.59 -16.64
C VAL B 309 12.40 -2.29 -15.74
N LEU B 310 12.47 -3.62 -15.82
CA LEU B 310 13.41 -4.31 -14.96
C LEU B 310 14.85 -3.92 -15.25
N HIS B 311 15.20 -3.93 -16.55
CA HIS B 311 16.54 -3.58 -17.00
C HIS B 311 16.95 -2.23 -16.44
N SER B 312 16.13 -1.21 -16.70
CA SER B 312 16.39 0.12 -16.18
C SER B 312 16.65 0.18 -14.64
N PHE B 313 15.77 -0.40 -13.84
CA PHE B 313 15.97 -0.37 -12.40
C PHE B 313 17.31 -1.03 -12.03
N GLN B 314 17.64 -2.16 -12.64
CA GLN B 314 18.91 -2.83 -12.29
C GLN B 314 20.11 -1.96 -12.69
N LYS B 315 20.08 -1.47 -13.90
CA LYS B 315 21.13 -0.65 -14.44
C LYS B 315 21.36 0.58 -13.58
N GLN B 316 20.28 1.15 -13.04
CA GLN B 316 20.40 2.34 -12.20
C GLN B 316 20.57 2.03 -10.74
N ASN B 317 20.73 0.76 -10.42
CA ASN B 317 20.89 0.34 -9.02
C ASN B 317 19.72 0.59 -8.06
N VAL B 318 18.51 0.69 -8.60
CA VAL B 318 17.33 0.90 -7.81
C VAL B 318 16.70 -0.44 -7.52
N THR B 319 16.23 -0.66 -6.30
CA THR B 319 15.62 -1.94 -5.97
C THR B 319 14.32 -2.21 -6.72
N ILE B 320 14.21 -3.41 -7.26
CA ILE B 320 13.02 -3.83 -7.99
C ILE B 320 12.95 -5.34 -7.95
N MET B 321 11.75 -5.86 -8.20
CA MET B 321 11.50 -7.29 -8.19
C MET B 321 10.58 -7.70 -9.31
N ASP B 322 10.95 -8.79 -9.96
CA ASP B 322 10.15 -9.31 -11.07
C ASP B 322 9.01 -10.15 -10.45
N HIS B 323 7.90 -10.28 -11.18
CA HIS B 323 6.74 -11.01 -10.68
C HIS B 323 6.94 -12.49 -10.40
N HIS B 324 7.86 -13.12 -11.11
CA HIS B 324 8.10 -14.54 -10.87
C HIS B 324 8.73 -14.75 -9.52
N THR B 325 9.80 -14.03 -9.27
CA THR B 325 10.51 -14.15 -8.02
C THR B 325 9.59 -13.76 -6.87
N ALA B 326 8.74 -12.75 -7.12
CA ALA B 326 7.80 -12.24 -6.13
C ALA B 326 6.90 -13.39 -5.70
N SER B 327 6.34 -14.07 -6.71
CA SER B 327 5.43 -15.20 -6.52
C SER B 327 6.05 -16.38 -5.82
N GLU B 328 7.26 -16.77 -6.20
CA GLU B 328 7.85 -17.90 -5.50
C GLU B 328 8.07 -17.48 -4.05
N SER B 329 8.36 -16.21 -3.86
CA SER B 329 8.59 -15.67 -2.53
C SER B 329 7.34 -15.77 -1.67
N PHE B 330 6.23 -15.29 -2.22
CA PHE B 330 5.00 -15.34 -1.47
C PHE B 330 4.61 -16.76 -1.15
N MET B 331 4.88 -17.68 -2.06
CA MET B 331 4.53 -19.07 -1.85
C MET B 331 5.25 -19.59 -0.62
N LYS B 332 6.52 -19.26 -0.50
CA LYS B 332 7.30 -19.71 0.66
C LYS B 332 6.81 -19.04 1.95
N HIS B 333 6.34 -17.80 1.83
CA HIS B 333 5.84 -17.08 2.99
C HIS B 333 4.64 -17.85 3.50
N MET B 334 3.67 -18.07 2.61
CA MET B 334 2.43 -18.77 2.90
C MET B 334 2.67 -20.05 3.68
N GLN B 335 3.68 -20.82 3.28
CA GLN B 335 3.98 -22.05 3.98
C GLN B 335 4.56 -21.79 5.34
N ASN B 336 5.44 -20.79 5.47
CA ASN B 336 6.01 -20.48 6.78
C ASN B 336 4.84 -20.22 7.70
N GLU B 337 3.94 -19.38 7.18
CA GLU B 337 2.73 -18.92 7.83
C GLU B 337 1.77 -20.03 8.28
N TYR B 338 1.45 -20.95 7.36
CA TYR B 338 0.54 -22.02 7.76
C TYR B 338 1.20 -22.82 8.89
N ARG B 339 2.51 -23.00 8.77
CA ARG B 339 3.28 -23.69 9.80
C ARG B 339 3.32 -22.83 11.08
N ALA B 340 3.60 -21.56 10.91
CA ALA B 340 3.71 -20.65 12.03
C ALA B 340 2.44 -20.37 12.79
N ARG B 341 1.32 -20.27 12.10
CA ARG B 341 0.07 -19.99 12.79
C ARG B 341 -1.16 -20.52 12.10
N GLY B 342 -0.96 -21.50 11.22
CA GLY B 342 -2.06 -22.13 10.50
C GLY B 342 -3.07 -21.25 9.78
N GLY B 343 -2.60 -20.54 8.77
CA GLY B 343 -3.46 -19.66 7.99
C GLY B 343 -2.66 -18.51 7.42
N CYS B 344 -3.27 -17.79 6.48
CA CYS B 344 -2.65 -16.63 5.84
C CYS B 344 -3.74 -15.99 5.03
N PRO B 345 -4.24 -14.83 5.49
CA PRO B 345 -5.32 -14.20 4.71
C PRO B 345 -4.73 -13.84 3.38
N ALA B 346 -5.29 -14.34 2.29
CA ALA B 346 -4.73 -14.08 0.96
C ALA B 346 -5.83 -13.85 -0.06
N ASP B 347 -5.68 -12.80 -0.86
CA ASP B 347 -6.66 -12.49 -1.88
C ASP B 347 -6.04 -12.77 -3.27
N TRP B 348 -6.38 -13.93 -3.79
CA TRP B 348 -5.94 -14.43 -5.07
C TRP B 348 -6.11 -13.38 -6.19
N ILE B 349 -7.28 -12.76 -6.29
CA ILE B 349 -7.51 -11.79 -7.34
C ILE B 349 -6.44 -10.71 -7.38
N TRP B 350 -5.74 -10.54 -6.26
CA TRP B 350 -4.73 -9.49 -6.18
C TRP B 350 -3.34 -10.09 -6.18
N LEU B 351 -3.18 -11.18 -5.44
CA LEU B 351 -1.91 -11.84 -5.36
C LEU B 351 -1.38 -12.42 -6.68
N VAL B 352 -2.22 -12.48 -7.71
CA VAL B 352 -1.75 -13.02 -8.99
C VAL B 352 -1.35 -11.87 -9.90
N PRO B 353 -0.09 -11.90 -10.39
CA PRO B 353 0.49 -10.89 -11.29
C PRO B 353 -0.47 -10.62 -12.44
N PRO B 354 -0.49 -9.38 -12.97
CA PRO B 354 -1.38 -8.98 -14.06
C PRO B 354 -0.94 -9.46 -15.45
N VAL B 355 0.03 -10.34 -15.43
CA VAL B 355 0.59 -10.89 -16.65
C VAL B 355 1.23 -12.20 -16.17
N SER B 356 1.36 -13.19 -17.08
CA SER B 356 1.94 -14.50 -16.77
C SER B 356 1.20 -15.26 -15.67
N GLY B 357 -0.10 -14.96 -15.55
CA GLY B 357 -0.95 -15.60 -14.57
C GLY B 357 -0.52 -16.98 -14.12
N SER B 358 -0.98 -18.03 -14.83
CA SER B 358 -0.67 -19.44 -14.51
C SER B 358 0.80 -19.90 -14.57
N ILE B 359 1.68 -19.07 -15.16
CA ILE B 359 3.10 -19.44 -15.21
C ILE B 359 3.64 -19.23 -13.82
N THR B 360 2.89 -18.47 -13.04
CA THR B 360 3.22 -18.15 -11.66
C THR B 360 2.61 -19.18 -10.73
N PRO B 361 3.31 -19.55 -9.65
CA PRO B 361 2.76 -20.57 -8.73
C PRO B 361 1.54 -20.16 -7.88
N VAL B 362 1.36 -18.87 -7.62
CA VAL B 362 0.23 -18.50 -6.79
C VAL B 362 -1.08 -18.70 -7.50
N PHE B 363 -1.04 -18.77 -8.82
CA PHE B 363 -2.26 -18.96 -9.59
C PHE B 363 -2.89 -20.30 -9.31
N HIS B 364 -2.06 -21.30 -9.04
CA HIS B 364 -2.49 -22.65 -8.77
C HIS B 364 -2.72 -22.98 -7.31
N GLN B 365 -2.71 -21.95 -6.47
CA GLN B 365 -2.90 -22.12 -5.01
C GLN B 365 -4.24 -21.57 -4.55
N GLU B 366 -4.97 -22.41 -3.83
CA GLU B 366 -6.26 -22.02 -3.29
C GLU B 366 -5.98 -21.12 -2.07
N MET B 367 -6.76 -20.05 -1.93
CA MET B 367 -6.55 -19.11 -0.83
C MET B 367 -7.83 -18.73 -0.09
N LEU B 368 -7.69 -18.30 1.17
CA LEU B 368 -8.83 -17.89 1.94
C LEU B 368 -8.58 -16.45 2.31
N ASN B 369 -9.47 -15.57 1.87
CA ASN B 369 -9.36 -14.15 2.13
C ASN B 369 -10.25 -13.80 3.31
N TYR B 370 -9.66 -13.26 4.37
CA TYR B 370 -10.42 -12.85 5.56
C TYR B 370 -9.70 -11.69 6.26
N VAL B 371 -10.47 -10.79 6.88
CA VAL B 371 -9.90 -9.63 7.56
C VAL B 371 -9.62 -9.88 9.04
N LEU B 372 -8.35 -9.85 9.42
CA LEU B 372 -7.97 -10.03 10.83
C LEU B 372 -7.65 -8.65 11.41
N SER B 373 -6.94 -8.65 12.52
CA SER B 373 -6.57 -7.41 13.19
C SER B 373 -5.24 -7.63 13.91
N PRO B 374 -4.34 -6.64 13.87
CA PRO B 374 -4.48 -5.34 13.22
C PRO B 374 -4.60 -5.44 11.68
N PHE B 375 -5.03 -4.34 11.07
CA PHE B 375 -5.30 -4.37 9.65
C PHE B 375 -5.20 -2.96 9.06
N TYR B 376 -4.90 -2.89 7.76
CA TYR B 376 -4.83 -1.60 7.07
C TYR B 376 -6.11 -1.47 6.22
N TYR B 377 -7.01 -0.59 6.59
CA TYR B 377 -8.26 -0.42 5.86
C TYR B 377 -8.17 0.70 4.86
N TYR B 378 -9.19 0.81 4.03
CA TYR B 378 -9.27 1.86 3.04
C TYR B 378 -10.08 2.94 3.79
N GLN B 379 -10.27 4.12 3.18
CA GLN B 379 -11.00 5.19 3.83
C GLN B 379 -11.81 5.93 2.78
N ILE B 380 -12.85 6.66 3.17
CA ILE B 380 -13.60 7.42 2.17
C ILE B 380 -12.64 8.56 1.79
N GLU B 381 -12.66 9.01 0.54
CA GLU B 381 -11.76 10.08 0.16
C GLU B 381 -12.13 11.30 0.97
N PRO B 382 -11.14 11.91 1.64
CA PRO B 382 -11.32 13.09 2.48
C PRO B 382 -12.20 14.17 1.86
N TRP B 383 -11.82 14.68 0.69
CA TRP B 383 -12.61 15.76 0.07
C TRP B 383 -14.11 15.42 -0.03
N LYS B 384 -14.47 14.20 0.32
CA LYS B 384 -15.87 13.82 0.24
C LYS B 384 -16.59 14.00 1.56
N THR B 385 -15.84 13.94 2.65
CA THR B 385 -16.43 14.07 3.97
C THR B 385 -15.95 15.29 4.73
N HIS B 386 -14.71 15.70 4.47
CA HIS B 386 -14.12 16.86 5.15
C HIS B 386 -15.05 18.07 5.26
N ILE B 387 -15.14 18.63 6.46
CA ILE B 387 -15.96 19.81 6.68
C ILE B 387 -15.01 21.00 6.65
N TRP B 388 -15.20 21.89 5.66
CA TRP B 388 -14.31 23.04 5.50
C TRP B 388 -14.48 24.24 6.41
N GLN B 389 -13.34 24.82 6.78
CA GLN B 389 -13.26 25.99 7.65
C GLN B 389 -14.25 27.06 7.17
#